data_3T0G
#
_entry.id   3T0G
#
_cell.length_a   69.540
_cell.length_b   80.850
_cell.length_c   112.560
_cell.angle_alpha   90.00
_cell.angle_beta   90.00
_cell.angle_gamma   90.00
#
_symmetry.space_group_name_H-M   'P 21 21 21'
#
loop_
_entity.id
_entity.type
_entity.pdbx_description
1 polymer '4-hydroxy-3-methylbut-2-enyl diphosphate reductase'
2 non-polymer 'FE3-S4 CLUSTER'
3 non-polymer '(2E)-4-hydroxy-3-methylbut-2-en-1-yl trihydrogen diphosphate'
4 water water
#
_entity_poly.entity_id   1
_entity_poly.type   'polypeptide(L)'
_entity_poly.pdbx_seq_one_letter_code
;MRGSHHHHHHGSMQILLANPRGFCAGVDRAISIVENALAIYGAPIYVRHEVVHNRYVVDSLRERGAIFIEQISEVPDGAI
LIFSAHGVSQAVRNEAKSRDLTVFDATCPLVTKVHMEVARASRRGEESILIGHAGHPEVEGTMGQYSNPEGGMYLVESPD
DVWKLTVKNEEKLSFMTQCTLSVDDTSDVIDALRKRFPKIVGPRKDDICYATTNRQEAVRALAEQAEVVLVVGSKNSSNS
NRLAELAQRMGKRAFLIDDAKDIQEEWVKEVKCVGVTAGASAPDILVQNVVARLQQLGGGEAIPLEGREENIVFEVPKEL
RVDIREVD
;
_entity_poly.pdbx_strand_id   A,B
#
loop_
_chem_comp.id
_chem_comp.type
_chem_comp.name
_chem_comp.formula
F3S non-polymer 'FE3-S4 CLUSTER' 'Fe3 S4'
H6P non-polymer '(2E)-4-hydroxy-3-methylbut-2-en-1-yl trihydrogen diphosphate' 'C5 H12 O8 P2'
#
# COMPACT_ATOMS: atom_id res chain seq x y z
N MET A 13 34.50 13.85 14.77
CA MET A 13 33.25 13.05 14.76
C MET A 13 32.35 13.31 13.55
N GLN A 14 32.12 12.25 12.81
CA GLN A 14 31.34 12.30 11.62
C GLN A 14 29.92 11.90 12.06
N ILE A 15 28.94 12.67 11.62
CA ILE A 15 27.53 12.39 11.95
C ILE A 15 26.98 11.75 10.70
N LEU A 16 26.44 10.54 10.85
CA LEU A 16 25.65 9.98 9.76
C LEU A 16 24.15 9.91 10.12
N LEU A 17 23.33 10.11 9.09
CA LEU A 17 21.85 10.03 9.20
C LEU A 17 21.32 8.85 8.44
N ALA A 18 20.45 8.09 9.08
CA ALA A 18 19.87 6.90 8.42
C ALA A 18 18.83 7.26 7.36
N ASN A 19 18.60 6.34 6.44
CA ASN A 19 17.76 6.63 5.35
C ASN A 19 17.09 5.39 4.79
N PRO A 20 15.75 5.29 4.92
CA PRO A 20 14.88 6.33 5.56
C PRO A 20 14.83 6.42 7.12
N ARG A 21 14.38 7.56 7.62
CA ARG A 21 14.10 7.73 9.06
C ARG A 21 12.85 8.58 9.16
N GLY A 22 12.32 8.64 10.37
CA GLY A 22 11.30 9.61 10.67
C GLY A 22 10.01 9.29 10.02
N PHE A 23 9.16 10.32 9.90
CA PHE A 23 7.76 10.16 9.50
C PHE A 23 7.46 9.15 8.44
N CYS A 24 6.52 8.28 8.73
CA CYS A 24 5.91 7.40 7.74
C CYS A 24 4.64 8.07 7.20
N ALA A 25 3.96 7.44 6.22
CA ALA A 25 2.66 7.90 5.66
C ALA A 25 1.48 7.93 6.67
N GLY A 26 1.38 6.91 7.50
CA GLY A 26 0.24 6.84 8.42
C GLY A 26 0.33 7.88 9.53
N VAL A 27 1.57 8.19 9.90
CA VAL A 27 1.78 9.19 10.99
C VAL A 27 1.51 10.57 10.48
N ASP A 28 1.98 10.85 9.28
CA ASP A 28 1.74 12.19 8.63
C ASP A 28 0.22 12.42 8.45
N ARG A 29 -0.47 11.38 8.03
CA ARG A 29 -1.90 11.49 7.77
C ARG A 29 -2.62 11.77 9.13
N ALA A 30 -2.29 11.01 10.18
CA ALA A 30 -2.97 11.09 11.50
C ALA A 30 -2.82 12.47 12.20
N ILE A 31 -1.62 13.04 12.13
CA ILE A 31 -1.34 14.36 12.66
C ILE A 31 -2.08 15.42 11.88
N SER A 32 -2.01 15.33 10.55
CA SER A 32 -2.86 16.18 9.73
C SER A 32 -4.37 16.08 9.94
N ILE A 33 -4.92 14.89 10.16
CA ILE A 33 -6.32 14.77 10.57
C ILE A 33 -6.58 15.63 11.82
N VAL A 34 -5.75 15.55 12.84
CA VAL A 34 -6.00 16.38 14.03
C VAL A 34 -5.83 17.90 13.73
N GLU A 35 -4.75 18.32 13.08
CA GLU A 35 -4.63 19.76 12.72
C GLU A 35 -5.86 20.27 11.91
N ASN A 36 -6.21 19.59 10.81
CA ASN A 36 -7.34 19.97 9.97
C ASN A 36 -8.70 19.91 10.66
N ALA A 37 -8.84 19.07 11.69
CA ALA A 37 -10.07 19.05 12.49
C ALA A 37 -10.08 20.28 13.37
N LEU A 38 -8.95 20.52 14.03
CA LEU A 38 -8.73 21.75 14.80
C LEU A 38 -8.95 23.02 14.00
N ALA A 39 -8.56 23.03 12.72
CA ALA A 39 -8.69 24.18 11.83
C ALA A 39 -10.11 24.36 11.35
N ILE A 40 -10.86 23.27 11.22
CA ILE A 40 -12.22 23.37 10.69
C ILE A 40 -13.20 23.64 11.80
N TYR A 41 -12.93 23.17 13.01
CA TYR A 41 -13.91 23.28 14.11
C TYR A 41 -13.41 23.97 15.36
N GLY A 42 -12.13 24.35 15.40
CA GLY A 42 -11.59 25.02 16.58
C GLY A 42 -11.39 24.07 17.77
N ALA A 43 -10.57 24.46 18.74
CA ALA A 43 -10.50 23.77 20.02
C ALA A 43 -11.90 23.73 20.65
N PRO A 44 -12.13 22.76 21.56
CA PRO A 44 -11.31 21.55 21.74
C PRO A 44 -11.68 20.43 20.74
N ILE A 45 -10.69 19.60 20.39
CA ILE A 45 -10.88 18.36 19.60
C ILE A 45 -10.40 17.27 20.55
N TYR A 46 -11.22 16.27 20.82
CA TYR A 46 -10.77 15.23 21.75
C TYR A 46 -10.11 14.14 20.92
N VAL A 47 -9.07 13.54 21.46
CA VAL A 47 -8.37 12.47 20.81
C VAL A 47 -8.12 11.34 21.82
N ARG A 48 -8.50 10.12 21.44
CA ARG A 48 -8.32 8.96 22.26
C ARG A 48 -6.91 8.37 22.12
N HIS A 49 -6.19 8.34 23.24
CA HIS A 49 -4.78 7.91 23.29
C HIS A 49 -3.97 9.00 22.54
N GLU A 50 -2.69 9.09 22.82
CA GLU A 50 -1.81 9.92 22.08
C GLU A 50 -2.00 9.60 20.56
N VAL A 51 -2.20 10.60 19.70
CA VAL A 51 -2.54 10.31 18.31
C VAL A 51 -1.44 9.44 17.64
N VAL A 52 -0.18 9.74 17.97
CA VAL A 52 0.99 8.94 17.68
C VAL A 52 1.87 8.94 18.93
N HIS A 53 2.71 7.92 19.12
CA HIS A 53 3.66 7.82 20.30
C HIS A 53 4.88 8.76 20.30
N ASN A 54 4.60 10.05 20.32
CA ASN A 54 5.61 11.06 20.40
C ASN A 54 5.15 12.23 21.28
N ARG A 55 5.80 12.35 22.43
CA ARG A 55 5.68 13.45 23.42
C ARG A 55 5.62 14.83 22.75
N TYR A 56 6.50 15.07 21.75
CA TYR A 56 6.59 16.41 21.17
C TYR A 56 5.39 16.71 20.23
N VAL A 57 4.99 15.75 19.38
CA VAL A 57 3.80 15.92 18.53
C VAL A 57 2.57 16.12 19.43
N VAL A 58 2.44 15.30 20.45
CA VAL A 58 1.32 15.35 21.38
C VAL A 58 1.24 16.62 22.27
N ASP A 59 2.37 17.19 22.68
CA ASP A 59 2.33 18.48 23.38
C ASP A 59 2.14 19.56 22.31
N SER A 60 2.64 19.34 21.09
CA SER A 60 2.43 20.32 20.00
C SER A 60 0.93 20.58 19.74
N LEU A 61 0.14 19.52 19.72
CA LEU A 61 -1.26 19.58 19.36
C LEU A 61 -2.15 19.94 20.56
N ARG A 62 -1.72 19.51 21.74
CA ARG A 62 -2.38 19.74 23.03
C ARG A 62 -2.40 21.20 23.37
N GLU A 63 -1.57 21.96 22.67
CA GLU A 63 -1.46 23.35 22.98
C GLU A 63 -1.96 24.11 21.75
N ARG A 64 -2.35 23.37 20.72
CA ARG A 64 -3.11 23.98 19.62
C ARG A 64 -4.62 23.76 19.91
N GLY A 65 -4.92 23.16 21.06
CA GLY A 65 -6.32 22.92 21.43
C GLY A 65 -6.87 21.51 21.33
N ALA A 66 -6.02 20.51 21.13
CA ALA A 66 -6.53 19.16 21.13
C ALA A 66 -6.38 18.61 22.55
N ILE A 67 -7.36 17.81 22.99
CA ILE A 67 -7.30 17.18 24.32
C ILE A 67 -7.20 15.64 24.25
N PHE A 68 -6.14 15.11 24.85
CA PHE A 68 -5.89 13.69 24.84
C PHE A 68 -6.46 13.05 26.07
N ILE A 69 -7.40 12.12 25.83
CA ILE A 69 -8.12 11.35 26.85
C ILE A 69 -7.99 9.82 26.63
N GLU A 70 -8.13 9.06 27.72
CA GLU A 70 -7.91 7.61 27.57
C GLU A 70 -9.18 6.76 27.45
N GLN A 71 -10.29 7.28 27.94
CA GLN A 71 -11.58 6.61 27.69
C GLN A 71 -12.61 7.58 27.12
N ILE A 72 -13.55 7.02 26.36
CA ILE A 72 -14.63 7.76 25.73
C ILE A 72 -15.59 8.37 26.76
N SER A 73 -15.53 7.87 28.00
CA SER A 73 -16.33 8.46 29.06
C SER A 73 -15.86 9.91 29.29
N GLU A 74 -14.53 10.09 29.38
CA GLU A 74 -13.91 11.43 29.54
C GLU A 74 -14.38 12.52 28.54
N VAL A 75 -14.75 12.10 27.33
CA VAL A 75 -15.23 13.03 26.29
C VAL A 75 -16.66 13.36 26.58
N PRO A 76 -16.99 14.66 26.58
CA PRO A 76 -18.34 15.21 26.70
C PRO A 76 -19.31 14.73 25.59
N ASP A 77 -20.49 15.36 25.55
CA ASP A 77 -21.55 15.16 24.56
C ASP A 77 -21.51 16.26 23.46
N GLY A 78 -21.80 15.87 22.22
CA GLY A 78 -21.70 16.77 21.04
C GLY A 78 -20.28 17.19 20.62
N ALA A 79 -19.26 16.53 21.19
CA ALA A 79 -17.82 16.85 20.98
C ALA A 79 -17.26 16.06 19.80
N ILE A 80 -16.22 16.59 19.18
CA ILE A 80 -15.49 15.89 18.08
C ILE A 80 -14.41 14.98 18.67
N LEU A 81 -14.40 13.74 18.22
CA LEU A 81 -13.46 12.75 18.71
C LEU A 81 -12.67 12.13 17.55
N ILE A 82 -11.37 11.92 17.76
CA ILE A 82 -10.50 11.30 16.76
C ILE A 82 -9.95 10.07 17.40
N PHE A 83 -9.94 8.95 16.65
CA PHE A 83 -9.21 7.76 17.09
C PHE A 83 -7.74 7.87 16.73
N SER A 84 -6.87 7.39 17.61
CA SER A 84 -5.44 7.53 17.31
C SER A 84 -4.96 6.63 16.14
N ALA A 85 -3.73 6.82 15.67
CA ALA A 85 -3.31 6.03 14.51
C ALA A 85 -3.09 4.58 14.82
N HIS A 86 -3.05 4.21 16.09
CA HIS A 86 -2.82 2.80 16.48
C HIS A 86 -4.08 1.98 16.33
N GLY A 87 -5.21 2.67 16.17
CA GLY A 87 -6.44 1.96 15.91
C GLY A 87 -7.17 1.64 17.21
N VAL A 88 -8.41 1.13 17.06
CA VAL A 88 -9.26 0.82 18.22
C VAL A 88 -10.07 -0.43 18.00
N SER A 89 -10.66 -0.92 19.06
CA SER A 89 -11.40 -2.19 19.03
C SER A 89 -12.83 -1.92 18.52
N GLN A 90 -13.59 -2.99 18.26
CA GLN A 90 -14.95 -2.78 17.80
C GLN A 90 -15.73 -2.16 18.93
N ALA A 91 -15.45 -2.62 20.15
CA ALA A 91 -16.10 -2.15 21.36
C ALA A 91 -15.98 -0.63 21.51
N VAL A 92 -14.76 -0.11 21.59
CA VAL A 92 -14.56 1.35 21.56
C VAL A 92 -15.37 2.06 20.43
N ARG A 93 -15.19 1.61 19.19
CA ARG A 93 -15.82 2.23 18.02
C ARG A 93 -17.33 2.31 18.23
N ASN A 94 -17.90 1.23 18.77
CA ASN A 94 -19.35 1.14 19.17
C ASN A 94 -19.75 2.05 20.35
N GLU A 95 -18.92 2.07 21.41
CA GLU A 95 -19.12 2.96 22.57
C GLU A 95 -19.05 4.46 22.23
N ALA A 96 -18.31 4.80 21.18
CA ALA A 96 -18.31 6.13 20.61
C ALA A 96 -19.57 6.41 19.80
N LYS A 97 -19.96 5.46 18.94
CA LYS A 97 -21.05 5.70 17.98
C LYS A 97 -22.41 5.90 18.70
N SER A 98 -22.64 5.05 19.68
CA SER A 98 -23.79 5.22 20.55
C SER A 98 -23.45 6.23 21.62
N ARG A 99 -23.09 7.44 21.20
CA ARG A 99 -23.06 8.58 22.13
C ARG A 99 -23.09 9.89 21.39
N ASP A 100 -23.55 9.86 20.13
CA ASP A 100 -23.77 11.08 19.34
C ASP A 100 -22.52 12.00 19.46
N LEU A 101 -21.46 11.55 18.80
CA LEU A 101 -20.22 12.28 18.77
C LEU A 101 -19.86 12.30 17.30
N THR A 102 -19.26 13.39 16.83
CA THR A 102 -18.62 13.42 15.52
C THR A 102 -17.26 12.70 15.69
N VAL A 103 -17.05 11.70 14.85
CA VAL A 103 -15.87 10.86 14.99
C VAL A 103 -15.03 10.93 13.70
N PHE A 104 -13.72 11.19 13.83
CA PHE A 104 -12.77 10.98 12.73
C PHE A 104 -11.73 9.94 13.10
N ASP A 105 -11.42 9.04 12.14
CA ASP A 105 -10.60 7.89 12.46
C ASP A 105 -9.22 8.04 11.80
N ALA A 106 -8.19 8.24 12.64
CA ALA A 106 -6.83 8.46 12.17
C ALA A 106 -6.04 7.15 12.10
N THR A 107 -6.72 6.02 12.33
CA THR A 107 -6.06 4.74 12.28
C THR A 107 -5.28 4.63 10.96
N CYS A 108 -4.00 4.22 11.04
CA CYS A 108 -3.23 4.03 9.79
C CYS A 108 -3.87 3.02 8.94
N PRO A 109 -4.05 3.29 7.61
CA PRO A 109 -4.69 2.30 6.75
C PRO A 109 -4.00 0.92 6.79
N LEU A 110 -2.72 0.88 7.19
CA LEU A 110 -2.00 -0.39 7.24
C LEU A 110 -2.46 -1.20 8.46
N VAL A 111 -3.01 -0.50 9.47
CA VAL A 111 -3.65 -1.21 10.58
C VAL A 111 -5.04 -1.69 10.26
N THR A 112 -5.86 -0.79 9.74
CA THR A 112 -7.14 -1.17 9.18
C THR A 112 -7.04 -2.47 8.36
N LYS A 113 -6.12 -2.58 7.41
CA LYS A 113 -6.02 -3.76 6.55
C LYS A 113 -5.93 -5.09 7.38
N VAL A 114 -5.19 -5.03 8.51
CA VAL A 114 -5.03 -6.15 9.39
C VAL A 114 -6.31 -6.30 10.23
N HIS A 115 -6.94 -5.20 10.64
CA HIS A 115 -8.30 -5.31 11.27
C HIS A 115 -9.26 -6.10 10.37
N MET A 116 -9.36 -5.73 9.10
CA MET A 116 -10.25 -6.41 8.15
C MET A 116 -10.06 -7.93 8.12
N GLU A 117 -8.81 -8.41 8.14
CA GLU A 117 -8.55 -9.85 8.16
C GLU A 117 -8.95 -10.48 9.46
N VAL A 118 -8.69 -9.82 10.58
CA VAL A 118 -9.16 -10.35 11.84
C VAL A 118 -10.67 -10.53 11.78
N ALA A 119 -11.42 -9.45 11.57
CA ALA A 119 -12.89 -9.50 11.50
C ALA A 119 -13.42 -10.54 10.48
N ARG A 120 -12.62 -10.84 9.44
CA ARG A 120 -12.96 -11.89 8.46
C ARG A 120 -12.92 -13.27 9.16
N ALA A 121 -11.96 -13.44 10.07
CA ALA A 121 -11.79 -14.69 10.79
C ALA A 121 -12.84 -14.80 11.86
N SER A 122 -13.14 -13.71 12.55
CA SER A 122 -14.27 -13.72 13.48
C SER A 122 -15.57 -14.26 12.82
N ARG A 123 -16.05 -13.60 11.75
CA ARG A 123 -17.32 -14.00 11.03
C ARG A 123 -17.43 -15.47 10.63
N ARG A 124 -16.34 -16.05 10.13
CA ARG A 124 -16.28 -17.44 9.71
C ARG A 124 -15.98 -18.39 10.88
N GLY A 125 -16.17 -17.91 12.11
CA GLY A 125 -15.96 -18.74 13.29
C GLY A 125 -14.53 -19.14 13.61
N GLU A 126 -13.59 -18.92 12.70
CA GLU A 126 -12.24 -19.50 12.72
C GLU A 126 -11.22 -18.79 13.62
N GLU A 127 -10.31 -19.57 14.22
CA GLU A 127 -9.39 -18.99 15.21
C GLU A 127 -8.22 -18.19 14.61
N SER A 128 -7.79 -17.18 15.35
CA SER A 128 -6.74 -16.32 14.92
C SER A 128 -5.68 -16.10 16.02
N ILE A 129 -4.44 -16.07 15.55
CA ILE A 129 -3.27 -15.74 16.34
C ILE A 129 -2.61 -14.44 15.84
N LEU A 130 -2.57 -13.49 16.77
CA LEU A 130 -1.88 -12.24 16.58
C LEU A 130 -0.41 -12.34 17.09
N ILE A 131 0.58 -12.02 16.28
CA ILE A 131 1.93 -11.84 16.89
C ILE A 131 2.06 -10.38 17.17
N GLY A 132 2.15 -10.03 18.45
CA GLY A 132 2.34 -8.65 18.86
C GLY A 132 2.62 -8.57 20.35
N HIS A 133 2.68 -7.35 20.89
CA HIS A 133 3.21 -7.16 22.24
C HIS A 133 2.03 -6.80 23.11
N ALA A 134 1.83 -7.58 24.18
CA ALA A 134 0.73 -7.38 25.16
C ALA A 134 0.62 -5.95 25.61
N GLY A 135 -0.60 -5.45 25.64
CA GLY A 135 -0.89 -4.13 26.21
C GLY A 135 -0.58 -2.95 25.30
N HIS A 136 0.17 -3.14 24.20
CA HIS A 136 0.22 -2.09 23.14
C HIS A 136 -1.18 -1.81 22.52
N PRO A 137 -1.56 -0.51 22.36
CA PRO A 137 -2.87 -0.15 21.78
C PRO A 137 -3.13 -0.72 20.37
N GLU A 138 -2.13 -0.87 19.49
CA GLU A 138 -2.41 -1.51 18.20
C GLU A 138 -2.92 -2.97 18.44
N VAL A 139 -2.28 -3.67 19.37
CA VAL A 139 -2.66 -4.99 19.76
C VAL A 139 -4.09 -5.01 20.31
N GLU A 140 -4.39 -4.12 21.27
CA GLU A 140 -5.73 -4.06 21.87
C GLU A 140 -6.70 -3.79 20.73
N GLY A 141 -6.40 -2.85 19.86
CA GLY A 141 -7.32 -2.55 18.74
C GLY A 141 -7.58 -3.75 17.81
N THR A 142 -6.54 -4.55 17.55
CA THR A 142 -6.60 -5.61 16.59
C THR A 142 -7.28 -6.85 17.16
N MET A 143 -6.92 -7.26 18.38
CA MET A 143 -7.60 -8.37 19.09
C MET A 143 -9.06 -8.05 19.28
N GLY A 144 -9.34 -6.77 19.52
CA GLY A 144 -10.70 -6.37 19.69
C GLY A 144 -11.46 -6.27 18.36
N GLN A 145 -10.88 -6.74 17.25
CA GLN A 145 -11.69 -6.92 16.03
C GLN A 145 -12.33 -8.29 16.04
N TYR A 146 -11.79 -9.16 16.89
CA TYR A 146 -12.35 -10.51 17.03
C TYR A 146 -13.43 -10.60 18.10
N SER A 147 -14.61 -11.09 17.72
CA SER A 147 -15.72 -11.21 18.72
C SER A 147 -16.44 -12.57 18.78
N ASN A 148 -16.38 -13.37 17.70
CA ASN A 148 -17.01 -14.71 17.68
C ASN A 148 -16.53 -15.68 18.77
N PRO A 149 -17.43 -16.14 19.66
CA PRO A 149 -17.17 -17.14 20.73
C PRO A 149 -16.91 -18.58 20.23
N GLU A 150 -17.51 -18.93 19.09
CA GLU A 150 -17.18 -20.18 18.41
C GLU A 150 -15.67 -20.43 18.27
N GLY A 151 -14.93 -19.40 17.86
CA GLY A 151 -13.49 -19.56 17.65
C GLY A 151 -12.66 -19.01 18.78
N GLY A 152 -11.61 -18.28 18.42
CA GLY A 152 -10.79 -17.61 19.40
C GLY A 152 -9.83 -16.65 18.73
N MET A 153 -9.30 -15.77 19.57
CA MET A 153 -8.24 -14.78 19.26
C MET A 153 -7.19 -14.88 20.34
N TYR A 154 -5.97 -15.19 19.92
CA TYR A 154 -4.92 -15.51 20.85
C TYR A 154 -3.72 -14.60 20.58
N LEU A 155 -2.95 -14.29 21.63
CA LEU A 155 -1.75 -13.46 21.48
C LEU A 155 -0.44 -14.20 21.72
N VAL A 156 0.50 -14.17 20.75
CA VAL A 156 1.87 -14.69 21.00
C VAL A 156 2.97 -13.64 20.78
N GLU A 157 3.93 -13.58 21.70
CA GLU A 157 5.08 -12.69 21.58
C GLU A 157 6.38 -13.37 21.18
N SER A 158 6.52 -14.67 21.41
CA SER A 158 7.79 -15.41 21.14
C SER A 158 7.53 -16.86 20.76
N PRO A 159 8.58 -17.59 20.29
CA PRO A 159 8.42 -19.04 20.09
C PRO A 159 7.94 -19.78 21.35
N ASP A 160 8.50 -19.48 22.50
CA ASP A 160 7.98 -20.12 23.72
C ASP A 160 6.47 -19.96 23.83
N ASP A 161 5.93 -18.77 23.60
CA ASP A 161 4.48 -18.53 23.69
C ASP A 161 3.75 -19.48 22.73
N VAL A 162 4.32 -19.69 21.54
CA VAL A 162 3.78 -20.64 20.54
C VAL A 162 3.83 -22.11 20.98
N TRP A 163 4.92 -22.50 21.63
CA TRP A 163 5.15 -23.87 22.08
C TRP A 163 4.11 -24.23 23.21
N LYS A 164 3.53 -23.21 23.86
CA LYS A 164 2.49 -23.45 24.91
C LYS A 164 1.04 -23.29 24.46
N LEU A 165 0.84 -22.75 23.27
CA LEU A 165 -0.52 -22.45 22.86
C LEU A 165 -1.31 -23.72 22.45
N THR A 166 -2.57 -23.83 22.89
CA THR A 166 -3.46 -24.84 22.32
C THR A 166 -4.66 -24.15 21.68
N VAL A 167 -5.28 -24.80 20.73
CA VAL A 167 -6.34 -24.17 19.93
C VAL A 167 -7.46 -25.18 19.67
N LYS A 168 -8.67 -24.67 19.51
CA LYS A 168 -9.82 -25.54 19.23
C LYS A 168 -9.62 -26.36 17.95
N ASN A 169 -9.35 -25.69 16.83
CA ASN A 169 -9.27 -26.39 15.56
C ASN A 169 -8.12 -25.89 14.77
N GLU A 170 -7.01 -26.59 14.88
CA GLU A 170 -5.76 -26.17 14.28
C GLU A 170 -5.75 -26.39 12.76
N GLU A 171 -6.92 -26.74 12.25
CA GLU A 171 -7.09 -27.00 10.83
C GLU A 171 -7.53 -25.71 10.17
N LYS A 172 -8.42 -24.95 10.81
CA LYS A 172 -8.90 -23.64 10.35
C LYS A 172 -8.24 -22.50 11.23
N LEU A 173 -7.00 -22.17 10.90
CA LEU A 173 -6.19 -21.29 11.75
C LEU A 173 -5.53 -20.23 10.89
N SER A 174 -5.64 -18.97 11.32
CA SER A 174 -4.86 -17.91 10.70
C SER A 174 -3.96 -17.16 11.70
N PHE A 175 -2.94 -16.50 11.16
CA PHE A 175 -2.18 -15.54 11.93
C PHE A 175 -2.07 -14.17 11.22
N MET A 176 -1.87 -13.15 12.06
CA MET A 176 -1.69 -11.73 11.73
C MET A 176 -0.53 -11.25 12.63
N THR A 177 0.08 -10.11 12.30
CA THR A 177 1.16 -9.52 13.12
C THR A 177 0.87 -8.01 13.32
N GLN A 178 1.26 -7.47 14.47
CA GLN A 178 1.44 -6.04 14.68
C GLN A 178 2.37 -5.43 13.59
N CYS A 179 2.08 -4.20 13.14
CA CYS A 179 2.87 -3.55 12.10
C CYS A 179 4.30 -3.14 12.50
N THR A 180 4.51 -2.94 13.79
CA THR A 180 5.73 -2.28 14.29
C THR A 180 6.66 -3.15 15.11
N LEU A 181 6.69 -4.41 14.76
CA LEU A 181 7.57 -5.42 15.35
C LEU A 181 8.98 -5.48 14.77
N SER A 182 9.92 -6.09 15.47
CA SER A 182 11.21 -6.50 14.82
C SER A 182 11.01 -7.50 13.64
N VAL A 183 11.56 -7.18 12.46
CA VAL A 183 11.42 -8.09 11.32
C VAL A 183 12.04 -9.42 11.70
N ASP A 184 13.27 -9.44 12.25
CA ASP A 184 13.90 -10.73 12.63
C ASP A 184 13.15 -11.55 13.74
N ASP A 185 12.83 -10.96 14.89
CA ASP A 185 12.09 -11.76 15.91
C ASP A 185 10.78 -12.26 15.39
N THR A 186 10.16 -11.50 14.48
CA THR A 186 8.86 -11.92 14.00
C THR A 186 9.02 -13.18 13.14
N SER A 187 10.06 -13.17 12.30
CA SER A 187 10.44 -14.30 11.46
C SER A 187 10.57 -15.60 12.24
N ASP A 188 11.28 -15.57 13.39
CA ASP A 188 11.35 -16.72 14.28
C ASP A 188 9.99 -17.15 14.86
N VAL A 189 9.13 -16.19 15.24
CA VAL A 189 7.75 -16.54 15.71
C VAL A 189 6.93 -17.25 14.61
N ILE A 190 6.96 -16.71 13.40
CA ILE A 190 6.30 -17.36 12.29
C ILE A 190 6.90 -18.74 12.07
N ASP A 191 8.22 -18.89 12.21
CA ASP A 191 8.83 -20.17 11.95
C ASP A 191 8.19 -21.12 12.93
N ALA A 192 8.05 -20.69 14.19
CA ALA A 192 7.45 -21.54 15.21
C ALA A 192 6.00 -21.92 14.91
N LEU A 193 5.19 -20.96 14.48
CA LEU A 193 3.79 -21.27 14.17
C LEU A 193 3.59 -22.30 13.05
N ARG A 194 4.46 -22.25 12.02
CA ARG A 194 4.27 -23.09 10.84
C ARG A 194 4.68 -24.54 11.16
N LYS A 195 5.47 -24.67 12.20
CA LYS A 195 6.02 -25.93 12.53
C LYS A 195 5.09 -26.58 13.57
N ARG A 196 4.47 -25.78 14.46
CA ARG A 196 3.48 -26.35 15.39
C ARG A 196 2.16 -26.57 14.69
N PHE A 197 1.88 -25.76 13.68
CA PHE A 197 0.55 -25.74 13.03
C PHE A 197 0.69 -25.73 11.50
N PRO A 198 0.97 -26.89 10.90
CA PRO A 198 1.33 -26.88 9.47
C PRO A 198 0.23 -26.38 8.52
N LYS A 199 -1.00 -26.18 9.02
CA LYS A 199 -2.08 -25.73 8.14
C LYS A 199 -2.35 -24.25 8.29
N ILE A 200 -1.83 -23.64 9.37
CA ILE A 200 -2.09 -22.21 9.62
C ILE A 200 -1.96 -21.34 8.33
N VAL A 201 -2.86 -20.38 8.11
CA VAL A 201 -2.65 -19.46 6.99
C VAL A 201 -2.37 -18.02 7.41
N GLY A 202 -1.45 -17.36 6.73
CA GLY A 202 -1.29 -15.90 6.88
C GLY A 202 -0.68 -15.30 5.62
N PRO A 203 -0.11 -14.09 5.73
CA PRO A 203 0.42 -13.35 4.58
C PRO A 203 1.67 -14.05 4.07
N ARG A 204 2.11 -13.80 2.84
CA ARG A 204 3.35 -14.47 2.38
C ARG A 204 4.50 -14.37 3.38
N LYS A 205 4.54 -13.29 4.15
CA LYS A 205 5.53 -13.10 5.24
C LYS A 205 4.88 -12.61 6.55
N ASP A 206 4.62 -11.33 6.68
CA ASP A 206 4.08 -10.82 7.93
C ASP A 206 3.17 -9.63 7.65
N ASP A 207 2.64 -9.03 8.71
CA ASP A 207 1.91 -7.78 8.55
C ASP A 207 2.69 -6.51 8.92
N ILE A 208 4.01 -6.64 9.00
CA ILE A 208 4.90 -5.51 9.35
C ILE A 208 4.89 -4.50 8.19
N CYS A 209 4.63 -3.23 8.47
CA CYS A 209 4.51 -2.22 7.41
C CYS A 209 5.82 -1.91 6.76
N TYR A 210 5.72 -1.30 5.60
CA TYR A 210 6.89 -0.97 4.79
C TYR A 210 7.77 -0.01 5.64
N ALA A 211 7.16 0.88 6.41
CA ALA A 211 7.99 1.88 7.16
C ALA A 211 8.88 1.23 8.21
N THR A 212 8.38 0.20 8.88
CA THR A 212 9.09 -0.52 9.97
C THR A 212 10.18 -1.35 9.34
N THR A 213 9.82 -2.05 8.30
CA THR A 213 10.78 -2.78 7.43
C THR A 213 11.90 -1.85 6.99
N ASN A 214 11.56 -0.73 6.39
CA ASN A 214 12.59 0.19 5.84
C ASN A 214 13.51 0.80 6.90
N ARG A 215 12.92 1.14 8.05
CA ARG A 215 13.65 1.82 9.08
C ARG A 215 14.61 0.85 9.69
N GLN A 216 14.19 -0.42 9.76
CA GLN A 216 15.06 -1.48 10.20
C GLN A 216 16.24 -1.74 9.34
N GLU A 217 15.99 -1.96 8.05
CA GLU A 217 17.08 -2.08 7.12
C GLU A 217 17.97 -0.84 7.24
N ALA A 218 17.41 0.35 7.21
CA ALA A 218 18.27 1.53 7.27
C ALA A 218 19.19 1.63 8.48
N VAL A 219 18.63 1.35 9.64
CA VAL A 219 19.42 1.41 10.84
C VAL A 219 20.48 0.28 10.89
N ARG A 220 20.18 -0.88 10.28
CA ARG A 220 21.18 -1.93 10.15
C ARG A 220 22.39 -1.39 9.39
N ALA A 221 22.16 -0.81 8.19
CA ALA A 221 23.23 -0.16 7.39
C ALA A 221 23.98 0.92 8.16
N LEU A 222 23.25 1.72 8.92
CA LEU A 222 23.85 2.80 9.69
C LEU A 222 24.75 2.25 10.79
N ALA A 223 24.30 1.17 11.43
CA ALA A 223 25.04 0.61 12.57
C ALA A 223 26.26 -0.13 12.10
N GLU A 224 26.41 -0.39 10.82
CA GLU A 224 27.70 -0.93 10.43
C GLU A 224 28.78 0.11 10.09
N GLN A 225 28.42 1.40 10.01
CA GLN A 225 29.41 2.48 9.95
C GLN A 225 29.66 3.20 11.29
N ALA A 226 28.56 3.46 12.02
CA ALA A 226 28.58 4.25 13.27
C ALA A 226 28.91 3.38 14.45
N GLU A 227 29.68 3.94 15.41
CA GLU A 227 29.95 3.30 16.71
C GLU A 227 28.76 3.49 17.66
N VAL A 228 28.08 4.62 17.56
CA VAL A 228 27.02 4.92 18.50
C VAL A 228 25.83 5.30 17.67
N VAL A 229 24.65 4.85 18.07
CA VAL A 229 23.45 5.19 17.32
C VAL A 229 22.45 5.88 18.25
N LEU A 230 22.04 7.08 17.87
CA LEU A 230 20.97 7.81 18.56
C LEU A 230 19.69 7.64 17.78
N VAL A 231 18.63 7.24 18.47
CA VAL A 231 17.32 6.97 17.84
C VAL A 231 16.35 7.96 18.42
N VAL A 232 15.86 8.86 17.60
CA VAL A 232 14.93 9.83 18.13
C VAL A 232 13.56 9.21 18.20
N GLY A 233 12.98 9.17 19.39
CA GLY A 233 11.64 8.61 19.55
C GLY A 233 11.24 8.66 21.02
N SER A 234 9.94 8.56 21.31
CA SER A 234 9.49 8.45 22.73
C SER A 234 9.55 7.00 23.26
N LYS A 235 9.57 6.86 24.59
CA LYS A 235 9.71 5.57 25.25
C LYS A 235 8.62 4.60 24.85
N ASN A 236 7.40 5.09 24.70
CA ASN A 236 6.33 4.22 24.34
C ASN A 236 6.17 3.96 22.82
N SER A 237 7.18 4.23 22.01
CA SER A 237 7.01 4.00 20.56
C SER A 237 7.65 2.73 20.21
N SER A 238 6.83 1.71 19.92
CA SER A 238 7.36 0.37 19.64
C SER A 238 8.38 0.36 18.52
N ASN A 239 8.03 0.98 17.39
CA ASN A 239 8.92 0.94 16.26
C ASN A 239 10.26 1.61 16.59
N SER A 240 10.19 2.65 17.41
CA SER A 240 11.43 3.42 17.70
C SER A 240 12.42 2.55 18.49
N ASN A 241 11.85 1.94 19.54
CA ASN A 241 12.50 0.87 20.28
C ASN A 241 13.11 -0.23 19.48
N ARG A 242 12.45 -0.75 18.44
CA ARG A 242 13.07 -1.78 17.56
C ARG A 242 14.32 -1.29 16.89
N LEU A 243 14.35 0.00 16.58
CA LEU A 243 15.51 0.63 15.97
C LEU A 243 16.71 0.61 16.92
N ALA A 244 16.53 1.06 18.16
CA ALA A 244 17.65 1.10 19.11
C ALA A 244 18.10 -0.34 19.36
N GLU A 245 17.09 -1.18 19.54
CA GLU A 245 17.30 -2.55 19.95
C GLU A 245 18.10 -3.26 18.86
N LEU A 246 17.80 -2.95 17.60
CA LEU A 246 18.45 -3.61 16.47
C LEU A 246 19.92 -3.24 16.54
N ALA A 247 20.18 -1.94 16.73
CA ALA A 247 21.54 -1.38 16.76
C ALA A 247 22.33 -2.07 17.85
N GLN A 248 21.74 -2.15 19.06
CA GLN A 248 22.39 -2.78 20.25
C GLN A 248 22.81 -4.25 20.06
N ARG A 249 21.92 -5.08 19.51
CA ARG A 249 22.24 -6.47 19.18
C ARG A 249 23.32 -6.59 18.09
N MET A 250 23.61 -5.49 17.39
CA MET A 250 24.80 -5.47 16.55
C MET A 250 25.99 -5.04 17.35
N GLY A 251 25.82 -4.87 18.67
CA GLY A 251 26.94 -4.57 19.54
C GLY A 251 27.29 -3.09 19.62
N LYS A 252 26.43 -2.20 19.06
CA LYS A 252 26.67 -0.75 19.16
C LYS A 252 25.98 -0.21 20.40
N ARG A 253 26.56 0.80 21.04
CA ARG A 253 25.80 1.60 22.00
C ARG A 253 24.70 2.36 21.23
N ALA A 254 23.46 2.32 21.72
CA ALA A 254 22.38 2.93 21.05
C ALA A 254 21.52 3.41 22.15
N PHE A 255 20.93 4.61 21.96
CA PHE A 255 20.04 5.28 22.94
C PHE A 255 18.78 5.83 22.26
N LEU A 256 17.66 5.58 22.89
CA LEU A 256 16.41 6.16 22.45
C LEU A 256 16.26 7.47 23.24
N ILE A 257 16.22 8.58 22.51
CA ILE A 257 16.12 9.92 23.11
C ILE A 257 14.90 10.71 22.60
N ASP A 258 14.21 11.43 23.48
CA ASP A 258 13.14 12.29 23.00
C ASP A 258 13.65 13.52 22.23
N ASP A 259 14.80 14.08 22.66
CA ASP A 259 15.41 15.23 22.00
C ASP A 259 16.85 15.49 22.47
N ALA A 260 17.42 16.58 21.93
CA ALA A 260 18.79 16.98 22.13
C ALA A 260 19.21 17.03 23.63
N LYS A 261 18.34 17.54 24.48
CA LYS A 261 18.60 17.63 25.95
C LYS A 261 19.02 16.31 26.59
N ASP A 262 18.57 15.17 26.04
CA ASP A 262 18.91 13.88 26.59
C ASP A 262 20.30 13.38 26.21
N ILE A 263 20.95 13.94 25.19
CA ILE A 263 22.30 13.49 24.79
C ILE A 263 23.25 13.72 26.00
N GLN A 264 23.85 12.65 26.52
CA GLN A 264 24.85 12.75 27.58
C GLN A 264 26.17 12.71 26.87
N GLU A 265 27.06 13.65 27.15
CA GLU A 265 28.25 13.77 26.28
C GLU A 265 29.22 12.59 26.35
N GLU A 266 29.17 11.86 27.46
CA GLU A 266 29.96 10.65 27.63
C GLU A 266 29.65 9.64 26.51
N TRP A 267 28.38 9.63 26.02
CA TRP A 267 27.92 8.70 24.96
C TRP A 267 28.70 8.93 23.69
N VAL A 268 29.09 10.17 23.41
CA VAL A 268 29.81 10.45 22.17
C VAL A 268 31.30 10.85 22.33
N LYS A 269 31.74 10.97 23.57
CA LYS A 269 33.13 11.27 23.94
C LYS A 269 34.10 10.37 23.21
N GLU A 270 34.87 10.96 22.30
CA GLU A 270 35.92 10.27 21.56
C GLU A 270 35.39 9.34 20.45
N VAL A 271 34.10 9.45 20.13
CA VAL A 271 33.50 8.60 19.12
C VAL A 271 33.77 9.14 17.71
N LYS A 272 34.40 8.33 16.87
CA LYS A 272 34.78 8.74 15.51
C LYS A 272 33.54 8.94 14.64
N CYS A 273 32.56 8.06 14.79
CA CYS A 273 31.38 8.10 13.91
C CYS A 273 30.13 7.85 14.71
N VAL A 274 29.24 8.84 14.76
CA VAL A 274 27.92 8.70 15.42
C VAL A 274 26.81 8.71 14.38
N GLY A 275 25.82 7.85 14.58
CA GLY A 275 24.70 7.70 13.64
C GLY A 275 23.44 8.18 14.29
N VAL A 276 22.58 8.81 13.48
CA VAL A 276 21.30 9.27 13.89
C VAL A 276 20.16 8.70 13.02
N THR A 277 19.13 8.26 13.70
CA THR A 277 17.88 7.93 13.08
C THR A 277 16.73 8.37 13.90
N ALA A 278 15.53 8.08 13.36
CA ALA A 278 14.26 8.53 13.91
C ALA A 278 13.11 7.53 13.64
N GLY A 279 12.37 7.23 14.71
CA GLY A 279 11.17 6.41 14.59
C GLY A 279 10.17 7.11 13.69
N ALA A 280 9.11 6.38 13.32
CA ALA A 280 8.19 6.79 12.27
C ALA A 280 7.24 7.85 12.84
N SER A 281 7.22 7.95 14.17
CA SER A 281 6.43 9.01 14.87
C SER A 281 7.21 10.30 15.31
N ALA A 282 8.52 10.37 15.07
CA ALA A 282 9.36 11.51 15.46
C ALA A 282 9.55 12.57 14.35
N PRO A 283 9.19 13.84 14.60
CA PRO A 283 9.30 14.88 13.58
C PRO A 283 10.73 15.30 13.28
N ASP A 284 10.96 15.67 12.02
CA ASP A 284 12.29 16.04 11.59
C ASP A 284 12.98 17.16 12.42
N ILE A 285 12.17 18.08 12.91
CA ILE A 285 12.70 19.13 13.73
C ILE A 285 13.56 18.57 14.95
N LEU A 286 13.09 17.49 15.58
CA LEU A 286 13.78 16.87 16.71
C LEU A 286 15.15 16.37 16.25
N VAL A 287 15.21 15.83 15.03
CA VAL A 287 16.44 15.21 14.50
C VAL A 287 17.39 16.40 14.24
N GLN A 288 16.86 17.51 13.70
CA GLN A 288 17.70 18.70 13.37
C GLN A 288 18.40 19.25 14.64
N ASN A 289 17.63 19.38 15.70
CA ASN A 289 18.19 19.82 16.95
C ASN A 289 19.21 18.84 17.51
N VAL A 290 18.96 17.54 17.34
CA VAL A 290 19.91 16.51 17.78
C VAL A 290 21.19 16.65 16.96
N VAL A 291 21.04 16.86 15.65
CA VAL A 291 22.23 17.14 14.86
C VAL A 291 22.96 18.42 15.36
N ALA A 292 22.24 19.52 15.62
CA ALA A 292 22.94 20.75 16.12
C ALA A 292 23.67 20.47 17.45
N ARG A 293 23.02 19.72 18.34
CA ARG A 293 23.65 19.32 19.59
C ARG A 293 24.89 18.48 19.33
N LEU A 294 24.84 17.51 18.42
CA LEU A 294 26.10 16.77 18.13
C LEU A 294 27.26 17.66 17.58
N GLN A 295 26.90 18.68 16.83
CA GLN A 295 27.87 19.58 16.22
C GLN A 295 28.55 20.45 17.29
N GLN A 296 27.87 20.68 18.41
CA GLN A 296 28.49 21.33 19.56
C GLN A 296 29.47 20.43 20.28
N LEU A 297 29.15 19.14 20.34
CA LEU A 297 30.06 18.16 20.93
C LEU A 297 31.03 17.61 19.91
N GLY A 298 31.13 18.27 18.77
CA GLY A 298 32.35 18.18 17.95
C GLY A 298 32.18 17.56 16.59
N GLY A 299 30.94 17.28 16.19
CA GLY A 299 30.70 16.60 14.91
C GLY A 299 30.66 17.51 13.71
N GLY A 300 30.83 16.97 12.50
CA GLY A 300 30.85 17.79 11.28
C GLY A 300 29.47 17.96 10.67
N GLU A 301 29.40 18.17 9.35
CA GLU A 301 28.07 18.29 8.71
C GLU A 301 27.38 16.90 8.68
N ALA A 302 26.07 16.86 8.84
CA ALA A 302 25.41 15.56 8.83
C ALA A 302 25.41 15.00 7.41
N ILE A 303 25.79 13.75 7.28
CA ILE A 303 25.76 13.10 5.99
C ILE A 303 24.66 12.05 6.01
N PRO A 304 23.69 12.16 5.08
CA PRO A 304 22.68 11.14 4.90
C PRO A 304 23.20 9.96 4.10
N LEU A 305 22.94 8.73 4.55
CA LEU A 305 23.26 7.56 3.69
C LEU A 305 22.29 7.44 2.50
N GLU A 306 22.70 6.73 1.42
CA GLU A 306 21.79 6.27 0.36
C GLU A 306 20.76 5.43 1.01
N GLY A 307 19.52 5.49 0.56
CA GLY A 307 18.50 4.58 1.04
C GLY A 307 17.37 4.22 0.10
N ARG A 308 16.67 3.13 0.43
CA ARG A 308 15.43 2.78 -0.27
C ARG A 308 14.44 3.99 -0.29
N GLU A 309 14.01 4.35 -1.50
CA GLU A 309 12.92 5.28 -1.79
C GLU A 309 11.66 4.92 -1.00
N GLU A 310 10.96 5.92 -0.47
CA GLU A 310 9.57 5.78 0.02
C GLU A 310 8.74 6.77 -0.80
N ASN A 311 7.65 6.29 -1.42
CA ASN A 311 6.79 7.17 -2.20
C ASN A 311 5.30 7.15 -1.77
N ILE A 312 4.96 6.39 -0.74
CA ILE A 312 3.57 6.27 -0.33
C ILE A 312 3.15 7.47 0.50
N VAL A 313 2.02 8.05 0.15
CA VAL A 313 1.36 9.11 0.90
C VAL A 313 -0.08 8.61 1.20
N PHE A 314 -0.60 8.79 2.44
CA PHE A 314 -2.02 8.53 2.67
C PHE A 314 -2.76 9.87 2.91
N GLU A 315 -3.72 10.20 2.05
CA GLU A 315 -4.47 11.48 2.18
C GLU A 315 -5.46 11.44 3.31
N VAL A 316 -5.74 12.60 3.92
CA VAL A 316 -6.78 12.77 4.95
C VAL A 316 -8.19 12.58 4.33
N PRO A 317 -9.19 12.18 5.14
CA PRO A 317 -10.56 12.07 4.58
C PRO A 317 -10.94 13.38 3.88
N LYS A 318 -11.72 13.27 2.77
CA LYS A 318 -12.21 14.45 2.00
C LYS A 318 -12.85 15.53 2.87
N GLU A 319 -13.68 15.10 3.82
CA GLU A 319 -14.36 16.01 4.73
C GLU A 319 -13.37 16.85 5.53
N LEU A 320 -12.16 16.35 5.76
CA LEU A 320 -11.10 17.10 6.49
C LEU A 320 -10.05 17.90 5.70
N ARG A 321 -10.19 18.01 4.36
CA ARG A 321 -9.24 18.82 3.57
C ARG A 321 -9.44 20.34 3.79
N MET B 13 -33.99 10.68 -19.07
CA MET B 13 -32.62 10.04 -18.91
C MET B 13 -31.74 10.55 -17.76
N GLN B 14 -31.53 9.72 -16.75
CA GLN B 14 -30.74 10.13 -15.61
C GLN B 14 -29.33 9.57 -15.76
N ILE B 15 -28.34 10.26 -15.19
CA ILE B 15 -26.90 9.88 -15.43
C ILE B 15 -26.30 9.61 -14.08
N LEU B 16 -25.80 8.39 -13.86
CA LEU B 16 -25.12 8.14 -12.59
C LEU B 16 -23.63 7.95 -12.82
N LEU B 17 -22.81 8.35 -11.85
CA LEU B 17 -21.32 8.18 -11.93
C LEU B 17 -20.87 7.21 -10.90
N ALA B 18 -20.08 6.24 -11.31
CA ALA B 18 -19.53 5.31 -10.29
C ALA B 18 -18.42 5.93 -9.39
N ASN B 19 -18.36 5.44 -8.16
CA ASN B 19 -17.43 5.92 -7.19
C ASN B 19 -16.81 4.75 -6.38
N PRO B 20 -15.48 4.54 -6.54
CA PRO B 20 -14.57 5.30 -7.39
C PRO B 20 -14.51 4.88 -8.89
N ARG B 21 -13.78 5.67 -9.69
CA ARG B 21 -13.72 5.53 -11.16
C ARG B 21 -12.46 6.21 -11.66
N GLY B 22 -11.94 5.82 -12.84
CA GLY B 22 -10.79 6.59 -13.33
C GLY B 22 -9.47 6.45 -12.56
N PHE B 23 -8.62 7.48 -12.63
CA PHE B 23 -7.21 7.32 -12.17
C PHE B 23 -6.98 6.69 -10.79
N CYS B 24 -6.11 5.68 -10.76
CA CYS B 24 -5.59 5.10 -9.53
C CYS B 24 -4.25 5.83 -9.15
N ALA B 25 -3.69 5.57 -7.96
CA ALA B 25 -2.39 6.14 -7.61
C ALA B 25 -1.22 5.79 -8.60
N GLY B 26 -1.16 4.56 -9.04
CA GLY B 26 -0.11 4.14 -9.97
C GLY B 26 -0.17 4.81 -11.31
N VAL B 27 -1.37 5.00 -11.84
CA VAL B 27 -1.46 5.65 -13.16
C VAL B 27 -1.12 7.12 -13.08
N ASP B 28 -1.67 7.80 -12.07
CA ASP B 28 -1.34 9.17 -11.83
C ASP B 28 0.18 9.41 -11.69
N ARG B 29 0.84 8.54 -10.93
CA ARG B 29 2.27 8.61 -10.74
C ARG B 29 3.03 8.42 -12.09
N ALA B 30 2.62 7.45 -12.89
CA ALA B 30 3.34 7.10 -14.15
C ALA B 30 3.23 8.24 -15.16
N ILE B 31 2.03 8.81 -15.34
CA ILE B 31 1.82 9.98 -16.19
C ILE B 31 2.68 11.13 -15.71
N SER B 32 2.63 11.43 -14.42
CA SER B 32 3.46 12.50 -13.92
C SER B 32 4.96 12.31 -14.19
N ILE B 33 5.42 11.06 -14.14
CA ILE B 33 6.82 10.79 -14.47
C ILE B 33 7.07 11.21 -15.91
N VAL B 34 6.24 10.80 -16.84
CA VAL B 34 6.49 11.22 -18.23
C VAL B 34 6.46 12.76 -18.36
N GLU B 35 5.50 13.41 -17.68
CA GLU B 35 5.29 14.87 -17.77
C GLU B 35 6.46 15.61 -17.15
N ASN B 36 6.82 15.25 -15.94
CA ASN B 36 7.90 15.92 -15.26
C ASN B 36 9.24 15.73 -15.97
N ALA B 37 9.47 14.53 -16.54
CA ALA B 37 10.68 14.36 -17.34
C ALA B 37 10.65 15.27 -18.57
N LEU B 38 9.49 15.43 -19.21
CA LEU B 38 9.42 16.34 -20.34
C LEU B 38 9.77 17.76 -19.90
N ALA B 39 9.08 18.25 -18.86
CA ALA B 39 9.37 19.56 -18.29
C ALA B 39 10.81 19.74 -17.79
N ILE B 40 11.42 18.72 -17.17
CA ILE B 40 12.78 18.91 -16.67
C ILE B 40 13.86 18.75 -17.76
N TYR B 41 13.74 17.78 -18.65
CA TYR B 41 14.77 17.58 -19.67
C TYR B 41 14.37 18.01 -21.09
N GLY B 42 13.18 18.57 -21.28
CA GLY B 42 12.68 18.85 -22.62
C GLY B 42 12.42 17.61 -23.45
N ALA B 43 11.84 17.81 -24.64
CA ALA B 43 11.57 16.73 -25.57
C ALA B 43 12.88 16.46 -26.33
N PRO B 44 13.11 15.22 -26.79
CA PRO B 44 12.26 14.04 -26.65
C PRO B 44 12.56 13.24 -25.39
N ILE B 45 11.55 12.52 -24.92
CA ILE B 45 11.67 11.56 -23.84
C ILE B 45 11.14 10.27 -24.42
N TYR B 46 11.90 9.19 -24.28
CA TYR B 46 11.47 7.92 -24.82
C TYR B 46 10.76 7.09 -23.71
N VAL B 47 9.63 6.49 -24.07
CA VAL B 47 8.92 5.60 -23.20
C VAL B 47 8.77 4.24 -23.89
N ARG B 48 9.06 3.17 -23.14
CA ARG B 48 8.90 1.81 -23.65
C ARG B 48 7.47 1.34 -23.50
N HIS B 49 6.76 1.26 -24.63
CA HIS B 49 5.35 0.90 -24.70
C HIS B 49 4.44 2.00 -24.07
N GLU B 50 3.11 1.86 -24.26
CA GLU B 50 2.16 2.86 -23.77
C GLU B 50 2.35 3.02 -22.24
N VAL B 51 2.66 4.22 -21.75
CA VAL B 51 2.97 4.35 -20.35
C VAL B 51 1.81 3.74 -19.49
N VAL B 52 0.57 3.93 -19.95
CA VAL B 52 -0.64 3.29 -19.48
C VAL B 52 -1.49 3.04 -20.68
N HIS B 53 -2.44 2.12 -20.59
CA HIS B 53 -3.21 1.74 -21.75
C HIS B 53 -4.40 2.66 -22.04
N ASN B 54 -4.07 3.90 -22.35
CA ASN B 54 -5.08 4.89 -22.69
C ASN B 54 -4.56 5.79 -23.82
N ARG B 55 -5.33 5.77 -24.90
CA ARG B 55 -5.04 6.43 -26.17
C ARG B 55 -5.00 7.96 -26.06
N TYR B 56 -5.99 8.56 -25.38
CA TYR B 56 -5.93 9.97 -25.09
C TYR B 56 -4.62 10.31 -24.31
N VAL B 57 -4.25 9.51 -23.32
CA VAL B 57 -3.06 9.91 -22.53
C VAL B 57 -1.77 9.80 -23.41
N VAL B 58 -1.64 8.67 -24.10
CA VAL B 58 -0.53 8.41 -24.98
C VAL B 58 -0.47 9.50 -26.09
N ASP B 59 -1.59 9.75 -26.77
CA ASP B 59 -1.69 10.79 -27.82
C ASP B 59 -1.20 12.15 -27.25
N SER B 60 -1.73 12.54 -26.09
CA SER B 60 -1.33 13.78 -25.41
C SER B 60 0.16 13.89 -25.14
N LEU B 61 0.77 12.82 -24.64
CA LEU B 61 2.21 12.83 -24.32
C LEU B 61 3.06 12.83 -25.60
N ARG B 62 2.56 12.20 -26.65
CA ARG B 62 3.27 12.20 -27.97
C ARG B 62 3.28 13.62 -28.52
N GLU B 63 2.10 14.25 -28.54
CA GLU B 63 2.00 15.67 -28.94
C GLU B 63 2.83 16.65 -28.07
N ARG B 64 3.33 16.20 -26.90
CA ARG B 64 4.26 16.98 -26.08
C ARG B 64 5.75 16.56 -26.23
N GLY B 65 6.00 15.58 -27.08
CA GLY B 65 7.37 15.19 -27.32
C GLY B 65 7.79 13.83 -26.80
N ALA B 66 6.94 13.11 -26.05
CA ALA B 66 7.33 11.75 -25.71
C ALA B 66 7.29 10.83 -26.96
N ILE B 67 8.21 9.89 -27.00
CA ILE B 67 8.30 8.98 -28.11
C ILE B 67 8.13 7.58 -27.58
N PHE B 68 7.07 6.91 -27.99
CA PHE B 68 6.82 5.53 -27.59
C PHE B 68 7.50 4.50 -28.47
N ILE B 69 8.31 3.64 -27.88
CA ILE B 69 9.12 2.67 -28.65
C ILE B 69 8.80 1.23 -28.23
N GLU B 70 9.03 0.29 -29.12
CA GLU B 70 8.69 -1.05 -28.78
C GLU B 70 9.84 -1.78 -28.16
N GLN B 71 11.07 -1.42 -28.57
CA GLN B 71 12.28 -2.08 -28.08
C GLN B 71 13.34 -1.09 -27.67
N ILE B 72 14.15 -1.50 -26.70
CA ILE B 72 15.09 -0.57 -26.13
C ILE B 72 16.19 -0.19 -27.16
N SER B 73 16.70 -1.18 -27.86
CA SER B 73 17.59 -0.92 -29.04
C SER B 73 17.12 0.26 -29.91
N GLU B 74 15.83 0.63 -29.90
CA GLU B 74 15.39 1.84 -30.66
C GLU B 74 15.76 3.19 -30.02
N VAL B 75 16.29 3.16 -28.78
CA VAL B 75 16.61 4.39 -28.02
C VAL B 75 18.04 4.82 -28.22
N PRO B 76 18.26 6.07 -28.62
CA PRO B 76 19.70 6.35 -28.84
C PRO B 76 20.47 6.55 -27.51
N ASP B 77 21.80 6.36 -27.51
CA ASP B 77 22.61 6.76 -26.33
C ASP B 77 22.35 8.22 -25.93
N GLY B 78 22.37 8.47 -24.64
CA GLY B 78 22.22 9.84 -24.11
C GLY B 78 20.80 10.18 -23.70
N ALA B 79 19.86 9.38 -24.19
CA ALA B 79 18.44 9.62 -23.96
C ALA B 79 17.93 9.29 -22.54
N ILE B 80 16.73 9.80 -22.25
CA ILE B 80 15.96 9.43 -21.09
C ILE B 80 14.93 8.43 -21.54
N LEU B 81 14.98 7.26 -20.93
CA LEU B 81 13.99 6.24 -21.20
C LEU B 81 13.13 5.97 -19.94
N ILE B 82 11.81 5.88 -20.11
CA ILE B 82 10.89 5.57 -19.02
C ILE B 82 10.31 4.18 -19.25
N PHE B 83 10.26 3.35 -18.21
CA PHE B 83 9.51 2.10 -18.31
C PHE B 83 8.04 2.35 -18.02
N SER B 84 7.15 1.68 -18.73
CA SER B 84 5.72 1.90 -18.51
C SER B 84 5.17 1.38 -17.13
N ALA B 85 3.96 1.79 -16.73
CA ALA B 85 3.42 1.37 -15.42
C ALA B 85 3.19 -0.13 -15.27
N HIS B 86 2.95 -0.82 -16.38
CA HIS B 86 2.77 -2.31 -16.42
C HIS B 86 4.00 -3.05 -15.98
N GLY B 87 5.15 -2.41 -16.07
CA GLY B 87 6.41 -2.99 -15.56
C GLY B 87 7.10 -3.77 -16.70
N VAL B 88 8.29 -4.31 -16.37
CA VAL B 88 9.20 -4.94 -17.35
C VAL B 88 9.92 -6.15 -16.78
N SER B 89 10.30 -7.07 -17.66
CA SER B 89 11.10 -8.22 -17.33
C SER B 89 12.47 -7.80 -16.83
N GLN B 90 13.19 -8.74 -16.19
CA GLN B 90 14.57 -8.50 -15.73
C GLN B 90 15.56 -8.34 -16.90
N ALA B 91 15.44 -9.16 -17.95
CA ALA B 91 16.24 -8.96 -19.20
C ALA B 91 16.19 -7.50 -19.68
N VAL B 92 14.97 -6.97 -19.82
CA VAL B 92 14.76 -5.60 -20.30
C VAL B 92 15.38 -4.58 -19.37
N ARG B 93 15.19 -4.77 -18.07
CA ARG B 93 15.78 -3.88 -17.09
C ARG B 93 17.30 -3.88 -17.21
N ASN B 94 17.87 -5.08 -17.17
CA ASN B 94 19.29 -5.28 -17.27
C ASN B 94 19.94 -4.73 -18.55
N GLU B 95 19.21 -4.82 -19.66
CA GLU B 95 19.69 -4.35 -20.93
C GLU B 95 19.75 -2.80 -20.87
N ALA B 96 18.84 -2.19 -20.09
CA ALA B 96 18.74 -0.76 -20.03
C ALA B 96 19.88 -0.23 -19.20
N LYS B 97 20.16 -0.94 -18.10
CA LYS B 97 21.23 -0.60 -17.16
C LYS B 97 22.62 -0.68 -17.81
N SER B 98 22.79 -1.59 -18.78
CA SER B 98 24.05 -1.73 -19.49
C SER B 98 24.20 -0.65 -20.54
N ARG B 99 23.08 -0.10 -21.02
CA ARG B 99 23.10 0.97 -22.00
C ARG B 99 23.41 2.35 -21.40
N ASP B 100 24.07 3.19 -22.19
CA ASP B 100 24.32 4.62 -21.85
C ASP B 100 23.02 5.43 -21.92
N LEU B 101 22.20 5.33 -20.86
CA LEU B 101 20.87 5.94 -20.80
C LEU B 101 20.50 6.28 -19.37
N THR B 102 19.66 7.31 -19.21
CA THR B 102 19.05 7.67 -17.93
C THR B 102 17.64 7.07 -17.94
N VAL B 103 17.42 6.22 -16.96
CA VAL B 103 16.26 5.36 -16.93
C VAL B 103 15.41 5.78 -15.75
N PHE B 104 14.15 6.09 -15.98
CA PHE B 104 13.20 6.22 -14.89
C PHE B 104 12.17 5.15 -14.97
N ASP B 105 11.86 4.57 -13.81
CA ASP B 105 10.98 3.42 -13.74
C ASP B 105 9.56 3.79 -13.23
N ALA B 106 8.57 3.77 -14.13
CA ALA B 106 7.23 4.18 -13.74
C ALA B 106 6.33 2.99 -13.41
N THR B 107 6.91 1.80 -13.34
CA THR B 107 6.19 0.59 -12.93
C THR B 107 5.36 0.94 -11.69
N CYS B 108 4.09 0.53 -11.64
CA CYS B 108 3.30 0.78 -10.45
C CYS B 108 3.93 0.11 -9.24
N PRO B 109 4.05 0.81 -8.07
CA PRO B 109 4.64 0.02 -6.96
C PRO B 109 3.94 -1.32 -6.65
N LEU B 110 2.69 -1.45 -7.09
CA LEU B 110 1.87 -2.60 -6.77
C LEU B 110 2.17 -3.75 -7.69
N VAL B 111 2.70 -3.44 -8.87
CA VAL B 111 3.30 -4.45 -9.74
C VAL B 111 4.65 -4.86 -9.27
N THR B 112 5.47 -3.89 -8.93
CA THR B 112 6.79 -4.16 -8.33
C THR B 112 6.65 -5.09 -7.08
N LYS B 113 5.58 -4.92 -6.32
CA LYS B 113 5.39 -5.78 -5.15
C LYS B 113 5.26 -7.28 -5.59
N VAL B 114 4.55 -7.55 -6.69
CA VAL B 114 4.40 -8.91 -7.18
C VAL B 114 5.72 -9.35 -7.82
N HIS B 115 6.48 -8.43 -8.40
CA HIS B 115 7.79 -8.76 -8.98
C HIS B 115 8.71 -9.38 -7.93
N MET B 116 8.79 -8.70 -6.80
CA MET B 116 9.63 -9.10 -5.71
C MET B 116 9.33 -10.54 -5.30
N GLU B 117 8.04 -10.92 -5.24
CA GLU B 117 7.69 -12.29 -4.85
C GLU B 117 8.05 -13.34 -5.85
N VAL B 118 7.88 -13.06 -7.13
CA VAL B 118 8.32 -14.00 -8.13
C VAL B 118 9.83 -14.22 -7.99
N ALA B 119 10.59 -13.14 -7.77
CA ALA B 119 12.03 -13.20 -7.73
C ALA B 119 12.51 -13.93 -6.48
N ARG B 120 11.78 -13.74 -5.36
CA ARG B 120 11.95 -14.54 -4.16
C ARG B 120 11.70 -16.04 -4.45
N ALA B 121 10.77 -16.34 -5.34
CA ALA B 121 10.49 -17.72 -5.67
C ALA B 121 11.58 -18.22 -6.59
N SER B 122 12.05 -17.36 -7.48
CA SER B 122 13.14 -17.74 -8.35
C SER B 122 14.42 -18.08 -7.55
N ARG B 123 14.76 -17.27 -6.56
CA ARG B 123 16.01 -17.45 -5.80
C ARG B 123 16.03 -18.81 -5.13
N ARG B 124 14.88 -19.18 -4.56
CA ARG B 124 14.65 -20.43 -3.84
C ARG B 124 14.56 -21.65 -4.74
N GLY B 125 14.59 -21.44 -6.05
CA GLY B 125 14.51 -22.54 -7.00
C GLY B 125 13.14 -23.25 -7.04
N GLU B 126 12.13 -22.63 -6.43
CA GLU B 126 10.81 -23.20 -6.21
C GLU B 126 9.85 -22.68 -7.26
N GLU B 127 8.91 -23.53 -7.69
CA GLU B 127 8.01 -23.19 -8.83
C GLU B 127 6.90 -22.17 -8.51
N SER B 128 6.53 -21.39 -9.53
CA SER B 128 5.58 -20.33 -9.38
C SER B 128 4.56 -20.38 -10.45
N ILE B 129 3.34 -20.09 -10.03
CA ILE B 129 2.21 -20.04 -10.94
C ILE B 129 1.59 -18.64 -10.92
N LEU B 130 1.62 -17.96 -12.07
CA LEU B 130 0.95 -16.66 -12.24
C LEU B 130 -0.47 -16.81 -12.80
N ILE B 131 -1.45 -16.21 -12.13
CA ILE B 131 -2.79 -16.14 -12.74
C ILE B 131 -2.89 -14.87 -13.60
N GLY B 132 -3.22 -15.01 -14.89
CA GLY B 132 -3.15 -13.85 -15.74
C GLY B 132 -3.35 -14.09 -17.21
N HIS B 133 -3.37 -13.02 -18.03
CA HIS B 133 -3.70 -13.18 -19.47
C HIS B 133 -2.46 -13.19 -20.40
N ALA B 134 -2.23 -14.26 -21.17
CA ALA B 134 -1.07 -14.33 -22.11
C ALA B 134 -1.00 -13.11 -22.96
N GLY B 135 0.19 -12.60 -23.19
CA GLY B 135 0.31 -11.45 -24.11
C GLY B 135 0.26 -10.06 -23.48
N HIS B 136 -0.45 -9.93 -22.35
CA HIS B 136 -0.43 -8.70 -21.55
C HIS B 136 0.98 -8.31 -21.07
N PRO B 137 1.37 -7.05 -21.25
CA PRO B 137 2.65 -6.56 -20.78
C PRO B 137 2.87 -6.70 -19.26
N GLU B 138 1.84 -6.64 -18.43
CA GLU B 138 2.11 -6.84 -17.00
C GLU B 138 2.48 -8.32 -16.77
N VAL B 139 1.89 -9.21 -17.56
CA VAL B 139 2.18 -10.63 -17.46
C VAL B 139 3.63 -10.99 -17.93
N GLU B 140 4.02 -10.43 -19.07
CA GLU B 140 5.38 -10.52 -19.62
C GLU B 140 6.40 -10.07 -18.55
N GLY B 141 6.19 -8.91 -17.96
CA GLY B 141 7.20 -8.43 -17.04
C GLY B 141 7.23 -9.23 -15.74
N THR B 142 6.08 -9.73 -15.29
CA THR B 142 6.01 -10.48 -14.06
C THR B 142 6.64 -11.88 -14.27
N MET B 143 6.33 -12.53 -15.41
CA MET B 143 7.00 -13.82 -15.76
C MET B 143 8.52 -13.65 -15.94
N GLY B 144 8.93 -12.51 -16.46
CA GLY B 144 10.37 -12.20 -16.59
C GLY B 144 11.10 -11.90 -15.29
N GLN B 145 10.45 -12.02 -14.16
CA GLN B 145 11.20 -11.95 -12.88
C GLN B 145 11.69 -13.33 -12.48
N TYR B 146 11.23 -14.35 -13.22
CA TYR B 146 11.59 -15.73 -12.92
C TYR B 146 12.75 -16.25 -13.81
N SER B 147 13.90 -16.56 -13.21
CA SER B 147 15.08 -16.88 -14.04
C SER B 147 15.71 -18.28 -13.88
N ASN B 148 15.45 -18.90 -12.71
CA ASN B 148 16.05 -20.19 -12.35
C ASN B 148 15.51 -21.38 -13.13
N PRO B 149 16.33 -21.97 -14.02
CA PRO B 149 15.88 -23.14 -14.79
C PRO B 149 15.51 -24.38 -13.95
N GLU B 150 15.97 -24.45 -12.71
CA GLU B 150 15.64 -25.60 -11.86
C GLU B 150 14.19 -25.67 -11.38
N GLY B 151 13.50 -24.54 -11.48
CA GLY B 151 12.10 -24.47 -11.10
C GLY B 151 11.22 -24.38 -12.33
N GLY B 152 10.20 -23.53 -12.22
CA GLY B 152 9.34 -23.21 -13.33
C GLY B 152 8.47 -21.99 -13.02
N MET B 153 8.04 -21.34 -14.08
CA MET B 153 7.08 -20.21 -14.00
C MET B 153 6.00 -20.52 -15.00
N TYR B 154 4.80 -20.75 -14.49
CA TYR B 154 3.71 -21.19 -15.37
C TYR B 154 2.58 -20.16 -15.41
N LEU B 155 1.91 -20.07 -16.56
CA LEU B 155 0.74 -19.20 -16.70
C LEU B 155 -0.56 -19.98 -16.74
N VAL B 156 -1.56 -19.53 -15.95
CA VAL B 156 -2.96 -20.08 -15.98
C VAL B 156 -4.02 -18.97 -16.11
N GLU B 157 -5.02 -19.18 -16.95
CA GLU B 157 -6.06 -18.18 -17.10
C GLU B 157 -7.38 -18.64 -16.54
N SER B 158 -7.56 -19.96 -16.46
CA SER B 158 -8.89 -20.50 -16.10
C SER B 158 -8.75 -21.72 -15.16
N PRO B 159 -9.85 -22.16 -14.55
CA PRO B 159 -9.76 -23.44 -13.76
C PRO B 159 -9.26 -24.63 -14.62
N ASP B 160 -9.69 -24.65 -15.88
CA ASP B 160 -9.26 -25.55 -16.94
C ASP B 160 -7.77 -25.67 -17.10
N ASP B 161 -7.10 -24.52 -17.17
CA ASP B 161 -5.64 -24.48 -17.24
C ASP B 161 -4.99 -25.10 -15.99
N VAL B 162 -5.62 -24.94 -14.82
CA VAL B 162 -5.21 -25.59 -13.55
C VAL B 162 -5.28 -27.14 -13.61
N TRP B 163 -6.32 -27.69 -14.23
CA TRP B 163 -6.53 -29.15 -14.26
C TRP B 163 -5.44 -29.85 -15.09
N LYS B 164 -5.00 -29.15 -16.12
CA LYS B 164 -4.07 -29.69 -17.10
C LYS B 164 -2.62 -29.33 -16.81
N LEU B 165 -2.39 -28.48 -15.83
CA LEU B 165 -1.04 -28.12 -15.49
C LEU B 165 -0.28 -29.28 -14.81
N THR B 166 0.91 -29.55 -15.38
CA THR B 166 1.96 -30.39 -14.77
C THR B 166 3.10 -29.57 -14.14
N VAL B 167 3.44 -29.93 -12.90
CA VAL B 167 4.57 -29.29 -12.22
C VAL B 167 5.61 -30.31 -11.80
N LYS B 168 6.82 -29.85 -11.49
CA LYS B 168 7.90 -30.72 -11.03
C LYS B 168 7.85 -31.08 -9.53
N ASN B 169 7.20 -30.27 -8.71
CA ASN B 169 7.22 -30.54 -7.28
C ASN B 169 6.09 -29.76 -6.67
N GLU B 170 4.98 -30.43 -6.43
CA GLU B 170 3.81 -29.74 -5.87
C GLU B 170 3.90 -29.51 -4.36
N GLU B 171 5.09 -29.63 -3.79
CA GLU B 171 5.21 -29.39 -2.35
C GLU B 171 5.79 -28.00 -2.06
N LYS B 172 6.48 -27.45 -3.04
CA LYS B 172 7.13 -26.13 -2.98
C LYS B 172 6.62 -25.29 -4.18
N LEU B 173 5.46 -24.70 -3.95
CA LEU B 173 4.65 -24.13 -5.01
C LEU B 173 4.02 -22.84 -4.50
N SER B 174 4.13 -21.78 -5.28
CA SER B 174 3.43 -20.52 -4.94
C SER B 174 2.67 -19.97 -6.15
N PHE B 175 1.55 -19.31 -5.87
CA PHE B 175 0.89 -18.52 -6.92
C PHE B 175 0.87 -17.00 -6.67
N MET B 176 0.70 -16.25 -7.76
CA MET B 176 0.64 -14.78 -7.81
C MET B 176 -0.41 -14.50 -8.86
N THR B 177 -0.80 -13.24 -8.97
CA THR B 177 -1.80 -12.86 -9.95
C THR B 177 -1.47 -11.49 -10.51
N GLN B 178 -1.94 -11.31 -11.73
CA GLN B 178 -2.04 -10.03 -12.38
C GLN B 178 -2.91 -9.09 -11.52
N CYS B 179 -2.59 -7.78 -11.54
CA CYS B 179 -3.17 -6.78 -10.69
C CYS B 179 -4.57 -6.37 -11.08
N THR B 180 -4.94 -6.57 -12.36
CA THR B 180 -6.14 -5.97 -12.92
C THR B 180 -7.06 -7.00 -13.58
N LEU B 181 -7.31 -8.10 -12.88
CA LEU B 181 -8.12 -9.20 -13.37
C LEU B 181 -9.53 -9.05 -12.76
N SER B 182 -10.53 -9.75 -13.30
CA SER B 182 -11.80 -9.96 -12.60
C SER B 182 -11.56 -10.55 -11.20
N VAL B 183 -12.12 -9.92 -10.17
CA VAL B 183 -12.04 -10.43 -8.82
C VAL B 183 -12.71 -11.78 -8.70
N ASP B 184 -13.92 -11.89 -9.24
CA ASP B 184 -14.69 -13.15 -9.34
C ASP B 184 -14.06 -14.28 -10.14
N ASP B 185 -13.67 -14.06 -11.41
CA ASP B 185 -13.02 -15.17 -12.13
C ASP B 185 -11.73 -15.64 -11.46
N THR B 186 -11.00 -14.67 -10.88
CA THR B 186 -9.74 -14.97 -10.23
C THR B 186 -9.95 -15.83 -8.95
N SER B 187 -11.08 -15.61 -8.29
CA SER B 187 -11.50 -16.37 -7.11
C SER B 187 -11.68 -17.86 -7.50
N ASP B 188 -12.31 -18.13 -8.67
CA ASP B 188 -12.52 -19.50 -9.17
C ASP B 188 -11.25 -20.21 -9.60
N VAL B 189 -10.27 -19.45 -10.09
CA VAL B 189 -8.97 -20.02 -10.47
C VAL B 189 -8.20 -20.39 -9.22
N ILE B 190 -8.30 -19.56 -8.19
CA ILE B 190 -7.54 -19.82 -6.99
C ILE B 190 -8.20 -21.00 -6.29
N ASP B 191 -9.55 -21.10 -6.35
CA ASP B 191 -10.26 -22.26 -5.80
C ASP B 191 -9.66 -23.51 -6.44
N ALA B 192 -9.64 -23.55 -7.79
CA ALA B 192 -9.08 -24.69 -8.54
C ALA B 192 -7.64 -24.96 -8.15
N LEU B 193 -6.81 -23.93 -8.02
CA LEU B 193 -5.41 -24.15 -7.60
C LEU B 193 -5.24 -24.86 -6.24
N ARG B 194 -6.00 -24.42 -5.23
CA ARG B 194 -5.93 -24.92 -3.85
C ARG B 194 -6.51 -26.33 -3.72
N LYS B 195 -7.37 -26.72 -4.64
CA LYS B 195 -7.89 -28.09 -4.68
C LYS B 195 -6.89 -28.95 -5.41
N ARG B 196 -6.38 -28.43 -6.52
CA ARG B 196 -5.45 -29.20 -7.31
C ARG B 196 -4.12 -29.41 -6.59
N PHE B 197 -3.76 -28.43 -5.77
CA PHE B 197 -2.43 -28.35 -5.18
C PHE B 197 -2.46 -27.93 -3.73
N PRO B 198 -2.96 -28.76 -2.81
CA PRO B 198 -3.27 -28.33 -1.44
C PRO B 198 -2.18 -27.58 -0.67
N LYS B 199 -0.90 -27.75 -1.05
CA LYS B 199 0.26 -27.14 -0.34
C LYS B 199 0.68 -25.83 -0.99
N ILE B 200 -0.07 -25.36 -1.98
CA ILE B 200 0.38 -24.20 -2.73
C ILE B 200 0.34 -22.98 -1.78
N VAL B 201 1.40 -22.17 -1.80
CA VAL B 201 1.44 -20.88 -1.06
C VAL B 201 1.10 -19.66 -1.94
N GLY B 202 0.32 -18.73 -1.40
CA GLY B 202 0.08 -17.46 -2.06
C GLY B 202 -0.37 -16.39 -1.09
N PRO B 203 -0.87 -15.26 -1.61
CA PRO B 203 -1.28 -14.21 -0.68
C PRO B 203 -2.56 -14.61 0.06
N ARG B 204 -2.98 -13.84 1.07
CA ARG B 204 -4.21 -14.10 1.79
C ARG B 204 -5.40 -14.37 0.86
N LYS B 205 -5.49 -13.62 -0.24
CA LYS B 205 -6.56 -13.77 -1.27
C LYS B 205 -5.99 -13.70 -2.69
N ASP B 206 -5.60 -12.50 -3.17
CA ASP B 206 -5.02 -12.37 -4.53
C ASP B 206 -4.04 -11.16 -4.60
N ASP B 207 -3.43 -10.91 -5.76
CA ASP B 207 -2.54 -9.74 -5.94
C ASP B 207 -3.26 -8.65 -6.75
N ILE B 208 -4.56 -8.85 -6.98
CA ILE B 208 -5.41 -7.81 -7.53
C ILE B 208 -5.34 -6.52 -6.70
N CYS B 209 -5.08 -5.39 -7.33
CA CYS B 209 -4.78 -4.17 -6.56
C CYS B 209 -6.03 -3.54 -5.98
N TYR B 210 -5.90 -2.65 -4.98
CA TYR B 210 -7.10 -2.00 -4.39
C TYR B 210 -7.93 -1.33 -5.51
N ALA B 211 -7.27 -0.79 -6.54
CA ALA B 211 -8.05 0.07 -7.43
C ALA B 211 -8.92 -0.78 -8.32
N THR B 212 -8.39 -1.90 -8.76
CA THR B 212 -9.22 -2.87 -9.53
C THR B 212 -10.42 -3.40 -8.72
N THR B 213 -10.13 -3.81 -7.50
CA THR B 213 -11.15 -4.27 -6.55
C THR B 213 -12.16 -3.20 -6.35
N ASN B 214 -11.73 -1.97 -6.05
CA ASN B 214 -12.73 -0.91 -5.76
C ASN B 214 -13.52 -0.54 -7.01
N ARG B 215 -12.88 -0.55 -8.18
CA ARG B 215 -13.64 -0.17 -9.37
C ARG B 215 -14.67 -1.19 -9.79
N GLN B 216 -14.31 -2.47 -9.66
CA GLN B 216 -15.30 -3.51 -9.82
C GLN B 216 -16.47 -3.44 -8.76
N GLU B 217 -16.15 -3.28 -7.49
CA GLU B 217 -17.24 -3.12 -6.52
C GLU B 217 -18.17 -1.91 -6.92
N ALA B 218 -17.57 -0.78 -7.23
CA ALA B 218 -18.33 0.35 -7.77
C ALA B 218 -19.13 0.08 -9.08
N VAL B 219 -18.59 -0.61 -10.05
CA VAL B 219 -19.44 -0.79 -11.25
C VAL B 219 -20.59 -1.79 -10.91
N ARG B 220 -20.42 -2.57 -9.85
CA ARG B 220 -21.48 -3.43 -9.40
C ARG B 220 -22.64 -2.65 -8.80
N ALA B 221 -22.37 -1.79 -7.81
CA ALA B 221 -23.39 -0.82 -7.34
C ALA B 221 -24.02 -0.06 -8.49
N LEU B 222 -23.19 0.43 -9.42
CA LEU B 222 -23.68 1.27 -10.53
C LEU B 222 -24.68 0.45 -11.33
N ALA B 223 -24.27 -0.75 -11.70
CA ALA B 223 -25.05 -1.65 -12.59
C ALA B 223 -26.32 -2.14 -11.94
N GLU B 224 -26.39 -2.14 -10.63
CA GLU B 224 -27.69 -2.42 -9.97
C GLU B 224 -28.73 -1.36 -10.36
N GLN B 225 -28.30 -0.11 -10.58
CA GLN B 225 -29.30 0.92 -10.86
C GLN B 225 -29.46 1.37 -12.31
N ALA B 226 -28.41 1.19 -13.11
CA ALA B 226 -28.38 1.71 -14.48
C ALA B 226 -28.75 0.64 -15.47
N GLU B 227 -29.36 1.01 -16.60
CA GLU B 227 -29.67 0.03 -17.68
C GLU B 227 -28.57 -0.07 -18.72
N VAL B 228 -27.84 1.02 -18.91
CA VAL B 228 -26.71 1.08 -19.80
C VAL B 228 -25.51 1.60 -19.00
N VAL B 229 -24.36 0.94 -19.16
CA VAL B 229 -23.12 1.34 -18.51
C VAL B 229 -22.12 1.65 -19.59
N LEU B 230 -21.57 2.86 -19.55
CA LEU B 230 -20.46 3.20 -20.42
C LEU B 230 -19.19 3.21 -19.59
N VAL B 231 -18.17 2.54 -20.11
CA VAL B 231 -16.91 2.52 -19.41
C VAL B 231 -15.92 3.26 -20.28
N VAL B 232 -15.40 4.35 -19.76
CA VAL B 232 -14.36 5.08 -20.49
C VAL B 232 -13.07 4.31 -20.27
N GLY B 233 -12.46 3.90 -21.38
CA GLY B 233 -11.16 3.27 -21.42
C GLY B 233 -10.87 2.69 -22.79
N SER B 234 -9.60 2.31 -23.01
CA SER B 234 -9.17 1.80 -24.33
C SER B 234 -9.26 0.27 -24.46
N LYS B 235 -9.29 -0.21 -25.71
CA LYS B 235 -9.46 -1.65 -25.99
C LYS B 235 -8.33 -2.52 -25.43
N ASN B 236 -7.12 -1.96 -25.29
CA ASN B 236 -6.02 -2.67 -24.66
C ASN B 236 -5.94 -2.45 -23.12
N SER B 237 -6.99 -1.97 -22.49
CA SER B 237 -6.91 -1.73 -21.06
C SER B 237 -7.54 -2.91 -20.37
N SER B 238 -6.73 -3.82 -19.82
CA SER B 238 -7.35 -4.99 -19.17
C SER B 238 -8.34 -4.53 -18.05
N ASN B 239 -7.96 -3.65 -17.15
CA ASN B 239 -8.89 -3.36 -16.03
C ASN B 239 -10.21 -2.76 -16.53
N SER B 240 -10.12 -1.95 -17.56
CA SER B 240 -11.23 -1.30 -18.22
C SER B 240 -12.17 -2.32 -18.76
N ASN B 241 -11.63 -3.28 -19.48
CA ASN B 241 -12.44 -4.34 -20.09
C ASN B 241 -13.21 -5.13 -19.03
N ARG B 242 -12.63 -5.31 -17.83
CA ARG B 242 -13.30 -6.03 -16.69
C ARG B 242 -14.52 -5.33 -16.19
N LEU B 243 -14.46 -4.00 -16.17
CA LEU B 243 -15.61 -3.23 -15.66
C LEU B 243 -16.77 -3.39 -16.61
N ALA B 244 -16.48 -3.30 -17.91
CA ALA B 244 -17.56 -3.45 -18.94
C ALA B 244 -18.16 -4.82 -18.88
N GLU B 245 -17.27 -5.82 -18.91
CA GLU B 245 -17.69 -7.19 -18.79
C GLU B 245 -18.53 -7.48 -17.50
N LEU B 246 -18.20 -6.91 -16.33
CA LEU B 246 -18.95 -7.17 -15.08
C LEU B 246 -20.36 -6.66 -15.26
N ALA B 247 -20.44 -5.43 -15.78
CA ALA B 247 -21.71 -4.80 -16.07
C ALA B 247 -22.60 -5.70 -16.97
N GLN B 248 -22.03 -6.21 -18.06
CA GLN B 248 -22.76 -7.04 -19.02
C GLN B 248 -23.18 -8.37 -18.41
N ARG B 249 -22.28 -8.98 -17.62
CA ARG B 249 -22.68 -10.22 -16.96
C ARG B 249 -23.76 -10.01 -15.93
N MET B 250 -23.98 -8.75 -15.50
CA MET B 250 -25.12 -8.47 -14.63
C MET B 250 -26.38 -8.20 -15.47
N GLY B 251 -26.26 -8.42 -16.79
CA GLY B 251 -27.36 -8.28 -17.75
C GLY B 251 -27.64 -6.85 -18.18
N LYS B 252 -26.66 -5.95 -18.06
CA LYS B 252 -26.89 -4.57 -18.48
C LYS B 252 -26.21 -4.41 -19.80
N ARG B 253 -26.55 -3.37 -20.54
CA ARG B 253 -25.78 -3.17 -21.76
C ARG B 253 -24.58 -2.33 -21.47
N ALA B 254 -23.42 -2.79 -21.87
CA ALA B 254 -22.21 -2.11 -21.48
C ALA B 254 -21.38 -1.91 -22.69
N PHE B 255 -20.77 -0.72 -22.71
CA PHE B 255 -20.09 -0.18 -23.82
C PHE B 255 -18.79 0.43 -23.32
N LEU B 256 -17.69 -0.17 -23.75
CA LEU B 256 -16.37 0.39 -23.62
C LEU B 256 -16.26 1.49 -24.67
N ILE B 257 -15.86 2.71 -24.26
CA ILE B 257 -15.65 3.83 -25.18
C ILE B 257 -14.35 4.62 -24.84
N ASP B 258 -13.59 4.97 -25.88
CA ASP B 258 -12.44 5.85 -25.68
C ASP B 258 -12.79 7.27 -25.27
N ASP B 259 -13.88 7.82 -25.78
CA ASP B 259 -14.32 9.20 -25.46
C ASP B 259 -15.75 9.44 -25.89
N ALA B 260 -16.26 10.61 -25.56
CA ALA B 260 -17.65 10.98 -25.90
C ALA B 260 -18.05 10.73 -27.36
N LYS B 261 -17.08 10.80 -28.28
CA LYS B 261 -17.37 10.67 -29.74
C LYS B 261 -17.74 9.26 -30.25
N ASP B 262 -17.30 8.21 -29.52
CA ASP B 262 -17.71 6.83 -29.80
C ASP B 262 -19.16 6.59 -29.37
N ILE B 263 -19.76 7.46 -28.55
CA ILE B 263 -21.18 7.26 -28.17
C ILE B 263 -22.16 7.32 -29.38
N GLN B 264 -23.00 6.30 -29.51
CA GLN B 264 -23.95 6.20 -30.61
C GLN B 264 -25.30 6.42 -30.00
N GLU B 265 -26.02 7.42 -30.46
CA GLU B 265 -27.38 7.69 -30.00
C GLU B 265 -28.31 6.46 -29.78
N GLU B 266 -28.28 5.47 -30.69
CA GLU B 266 -29.07 4.20 -30.54
C GLU B 266 -28.90 3.54 -29.16
N TRP B 267 -27.67 3.67 -28.62
CA TRP B 267 -27.29 3.05 -27.37
C TRP B 267 -28.02 3.55 -26.16
N VAL B 268 -28.59 4.74 -26.22
CA VAL B 268 -29.13 5.41 -25.03
C VAL B 268 -30.57 5.92 -25.26
N LYS B 269 -31.07 5.67 -26.47
CA LYS B 269 -32.46 5.91 -26.82
C LYS B 269 -33.44 5.22 -25.86
N GLU B 270 -34.42 5.97 -25.34
CA GLU B 270 -35.50 5.45 -24.49
C GLU B 270 -35.01 4.96 -23.12
N VAL B 271 -33.72 5.08 -22.88
CA VAL B 271 -33.12 4.69 -21.62
C VAL B 271 -33.46 5.71 -20.54
N LYS B 272 -33.82 5.25 -19.35
CA LYS B 272 -34.08 6.18 -18.24
C LYS B 272 -32.95 6.31 -17.23
N CYS B 273 -31.95 5.45 -17.34
CA CYS B 273 -30.87 5.60 -16.40
C CYS B 273 -29.63 5.12 -17.06
N VAL B 274 -28.65 5.99 -17.25
CA VAL B 274 -27.34 5.50 -17.75
C VAL B 274 -26.21 5.71 -16.75
N GLY B 275 -25.29 4.74 -16.67
CA GLY B 275 -24.18 4.84 -15.74
C GLY B 275 -22.89 5.07 -16.45
N VAL B 276 -22.01 5.83 -15.82
CA VAL B 276 -20.68 6.06 -16.40
C VAL B 276 -19.62 5.68 -15.34
N THR B 277 -18.66 4.87 -15.77
CA THR B 277 -17.43 4.77 -15.04
C THR B 277 -16.24 4.87 -16.04
N ALA B 278 -15.04 4.71 -15.50
CA ALA B 278 -13.76 4.87 -16.18
C ALA B 278 -12.79 3.92 -15.55
N GLY B 279 -11.96 3.30 -16.39
CA GLY B 279 -10.93 2.44 -15.92
C GLY B 279 -9.82 3.34 -15.36
N ALA B 280 -8.82 2.68 -14.78
CA ALA B 280 -7.80 3.27 -13.95
C ALA B 280 -6.90 4.13 -14.75
N SER B 281 -6.91 3.91 -16.09
CA SER B 281 -6.00 4.61 -17.03
C SER B 281 -6.69 5.80 -17.72
N ALA B 282 -7.89 6.11 -17.29
CA ALA B 282 -8.71 7.05 -18.04
C ALA B 282 -8.90 8.45 -17.34
N PRO B 283 -8.43 9.54 -18.00
CA PRO B 283 -8.53 10.84 -17.29
C PRO B 283 -9.95 11.34 -17.14
N ASP B 284 -10.15 12.05 -16.04
CA ASP B 284 -11.47 12.54 -15.64
C ASP B 284 -12.09 13.47 -16.71
N ILE B 285 -11.26 14.28 -17.35
CA ILE B 285 -11.72 15.11 -18.48
C ILE B 285 -12.52 14.33 -19.55
N LEU B 286 -12.10 13.09 -19.85
CA LEU B 286 -12.87 12.18 -20.76
C LEU B 286 -14.27 11.86 -20.17
N VAL B 287 -14.36 11.66 -18.86
CA VAL B 287 -15.64 11.37 -18.24
C VAL B 287 -16.48 12.63 -18.35
N GLN B 288 -15.89 13.79 -18.03
CA GLN B 288 -16.62 15.08 -18.07
C GLN B 288 -17.24 15.30 -19.45
N ASN B 289 -16.47 15.03 -20.51
CA ASN B 289 -16.96 15.17 -21.87
C ASN B 289 -17.98 14.12 -22.23
N VAL B 290 -17.92 12.94 -21.61
CA VAL B 290 -18.93 11.93 -21.84
C VAL B 290 -20.19 12.43 -21.21
N VAL B 291 -20.11 12.95 -19.99
CA VAL B 291 -21.38 13.43 -19.37
C VAL B 291 -22.10 14.51 -20.25
N ALA B 292 -21.34 15.43 -20.84
CA ALA B 292 -21.92 16.55 -21.64
C ALA B 292 -22.51 16.08 -22.96
N ARG B 293 -21.89 15.06 -23.55
CA ARG B 293 -22.47 14.39 -24.68
C ARG B 293 -23.75 13.63 -24.32
N LEU B 294 -23.81 12.99 -23.16
CA LEU B 294 -25.11 12.39 -22.74
C LEU B 294 -26.21 13.42 -22.43
N GLN B 295 -25.80 14.63 -22.09
CA GLN B 295 -26.74 15.68 -21.71
C GLN B 295 -27.36 16.28 -22.95
N GLN B 296 -26.61 16.23 -24.06
CA GLN B 296 -27.08 16.73 -25.34
C GLN B 296 -27.92 15.72 -26.08
N LEU B 297 -27.72 14.46 -25.70
CA LEU B 297 -28.57 13.35 -26.11
C LEU B 297 -29.67 13.12 -25.09
N GLY B 298 -29.85 14.02 -24.13
CA GLY B 298 -31.01 13.90 -23.27
C GLY B 298 -30.83 13.90 -21.78
N GLY B 299 -29.62 13.60 -21.30
CA GLY B 299 -29.42 13.41 -19.87
C GLY B 299 -29.51 14.67 -19.01
N GLY B 300 -29.96 14.50 -17.77
CA GLY B 300 -29.97 15.60 -16.80
C GLY B 300 -28.61 15.73 -16.12
N GLU B 301 -28.62 16.27 -14.89
CA GLU B 301 -27.41 16.42 -14.09
C GLU B 301 -26.88 15.08 -13.57
N ALA B 302 -25.57 14.95 -13.52
CA ALA B 302 -24.96 13.67 -13.17
C ALA B 302 -24.92 13.53 -11.65
N ILE B 303 -25.37 12.40 -11.15
CA ILE B 303 -25.25 12.15 -9.75
C ILE B 303 -24.08 11.17 -9.54
N PRO B 304 -23.12 11.55 -8.66
CA PRO B 304 -22.07 10.63 -8.17
C PRO B 304 -22.65 9.71 -7.12
N LEU B 305 -22.40 8.41 -7.27
CA LEU B 305 -22.82 7.46 -6.25
C LEU B 305 -21.85 7.60 -5.09
N GLU B 306 -22.28 7.19 -3.91
CA GLU B 306 -21.43 7.23 -2.74
C GLU B 306 -20.54 6.00 -2.90
N GLY B 307 -19.32 6.05 -2.34
CA GLY B 307 -18.46 4.93 -2.56
C GLY B 307 -17.34 4.87 -1.59
N ARG B 308 -16.62 3.77 -1.61
CA ARG B 308 -15.42 3.58 -0.77
C ARG B 308 -14.44 4.69 -1.09
N GLU B 309 -13.81 5.26 -0.07
CA GLU B 309 -12.84 6.33 -0.35
C GLU B 309 -11.52 5.66 -0.66
N GLU B 310 -10.74 6.31 -1.50
CA GLU B 310 -9.36 5.90 -1.78
C GLU B 310 -8.53 7.03 -1.24
N ASN B 311 -7.40 6.70 -0.58
CA ASN B 311 -6.57 7.71 -0.03
C ASN B 311 -5.09 7.52 -0.41
N ILE B 312 -4.77 6.55 -1.27
CA ILE B 312 -3.37 6.19 -1.56
C ILE B 312 -2.81 7.13 -2.60
N VAL B 313 -1.68 7.74 -2.32
CA VAL B 313 -0.99 8.49 -3.37
C VAL B 313 0.41 7.87 -3.44
N PHE B 314 0.91 7.71 -4.68
CA PHE B 314 2.30 7.35 -4.93
C PHE B 314 3.12 8.54 -5.55
N GLU B 315 4.16 8.96 -4.85
CA GLU B 315 4.91 10.17 -5.23
C GLU B 315 5.87 9.81 -6.37
N VAL B 316 6.07 10.73 -7.32
CA VAL B 316 7.12 10.57 -8.32
C VAL B 316 8.49 10.56 -7.62
N PRO B 317 9.50 9.93 -8.22
CA PRO B 317 10.87 9.90 -7.66
C PRO B 317 11.37 11.31 -7.41
N LYS B 318 12.29 11.48 -6.44
CA LYS B 318 12.81 12.84 -6.07
C LYS B 318 13.44 13.59 -7.25
N GLU B 319 14.22 12.91 -8.08
CA GLU B 319 14.83 13.51 -9.27
C GLU B 319 13.79 14.16 -10.16
N LEU B 320 12.55 13.72 -10.08
CA LEU B 320 11.58 14.16 -11.07
C LEU B 320 10.56 15.19 -10.54
N ARG B 321 10.77 15.69 -9.33
CA ARG B 321 9.81 16.64 -8.76
C ARG B 321 9.90 17.98 -9.44
N VAL B 322 8.74 18.55 -9.74
CA VAL B 322 8.65 19.97 -10.10
C VAL B 322 8.18 20.79 -8.84
FE1 F3S C . 3.48 4.35 10.07
FE3 F3S C . 3.55 1.71 9.77
FE4 F3S C . 1.16 3.07 9.61
S1 F3S C . 4.85 2.87 11.31
S2 F3S C . 1.51 4.61 11.20
S3 F3S C . 2.91 3.23 8.13
S4 F3S C . 1.47 1.03 10.59
P13 H6P D . 4.02 5.08 16.90
O14 H6P D . 5.35 5.37 17.61
O15 H6P D . 2.91 6.02 17.12
O16 H6P D . 3.48 3.63 17.29
P17 H6P D . 4.23 2.26 17.71
O18 H6P D . 5.56 2.18 17.00
O19 H6P D . 4.32 2.46 19.24
O20 H6P D . 3.08 1.43 17.33
C21 H6P D . 0.28 4.16 14.50
C27 H6P D . 2.67 3.40 14.28
C28 H6P D . 3.22 4.79 14.30
O29 H6P D . 4.30 4.96 15.28
C30 H6P D . 1.34 3.13 14.37
C31 H6P D . 0.89 1.69 14.32
O33 H6P D . 1.05 1.04 15.57
FE1 F3S E . -3.42 1.37 -10.88
FE3 F3S E . -3.59 -1.04 -9.93
FE4 F3S E . -1.10 0.16 -10.06
S1 F3S E . -4.72 -0.26 -11.76
S2 F3S E . -1.47 1.24 -12.02
S3 F3S E . -2.83 0.80 -8.69
S4 F3S E . -1.55 -2.03 -10.45
P13 H6P F . -3.97 0.22 -17.66
O14 H6P F . -5.29 0.28 -18.42
O15 H6P F . -2.77 1.01 -18.08
O16 H6P F . -3.37 -1.25 -17.66
P17 H6P F . -4.10 -2.69 -17.65
O18 H6P F . -5.51 -2.58 -17.10
O19 H6P F . -4.28 -3.13 -19.12
O20 H6P F . -3.18 -3.52 -16.85
C21 H6P F . -0.28 -0.18 -14.80
C27 H6P F . -2.77 -0.79 -14.66
C28 H6P F . -3.17 0.57 -15.10
O29 H6P F . -4.23 0.55 -16.06
C30 H6P F . -1.42 -1.11 -14.52
C31 H6P F . -0.96 -2.43 -14.08
O33 H6P F . -1.55 -3.42 -14.90
#